data_4HMD
#
_entry.id   4HMD
#
_cell.length_a   67.091
_cell.length_b   67.091
_cell.length_c   258.033
_cell.angle_alpha   90.00
_cell.angle_beta   90.00
_cell.angle_gamma   120.00
#
_symmetry.space_group_name_H-M   'P 31 1 2'
#
loop_
_entity.id
_entity.type
_entity.pdbx_description
1 polymer 'Chitinase 60'
2 non-polymer 2-acetamido-2-deoxy-beta-D-glucopyranose
3 non-polymer 2-METHYL-4,5-DIHYDRO-(1,2-DIDEOXY-ALPHA-D-GLUCOPYRANOSO)[2,1-D]-1,3-OXAZOLE
4 non-polymer 'SODIUM ION'
5 non-polymer GLYCEROL
6 water water
#
_entity_poly.entity_id   1
_entity_poly.type   'polypeptide(L)'
_entity_poly.pdbx_seq_one_letter_code
;GTITSQDDNVVVGYWHNWCDGRGYQGGNAPCVELKTVNPQYNVVNISFMKVYDIAEGRIPTFKLDPTIALSEAEFIAQID
TLNSQGRSVLIALGGADAHIELTRGDEDALAAEIIRLTDLYGFDGLDIDLEQAAITAKDNQFVIPAALKMVKEHYRKTGD
NFMITMAPEFPYLTANGAYTPYLTELDGYYDFINPQFYNQGGDGLWIEGVGWIAQNNDALKEEFIYYIADSLINGTRNYH
KIPHDKLVFGLPSNIDAAATGYIQDPQDLYKAFDRLKAQGQPLRGVMTWSVNWDMGTDAANNSYNQQFIKDYGNFIHNQL
PPVTDMTPTLSGIVDTRVELDSHFDPLIGITAKDYQGNDITADVTVSGSVNTNQVGDYLLTYSVSSDDETTNQPRKITVY
EILPAFTGITDTTVVIDSEFDPMQGVSASHPTQGDLTANITVTGEVDTNVVGVYELTYQLFYGQDNQQNMTDKRIVTVVT
DAVSDDDWQVGSTYVKDDKVTHNGATWTAQWWTKGEEPGTTGEWGVWR
;
_entity_poly.pdbx_strand_id   A
#
loop_
_chem_comp.id
_chem_comp.type
_chem_comp.name
_chem_comp.formula
GOL non-polymer GLYCEROL 'C3 H8 O3'
NA non-polymer 'SODIUM ION' 'Na 1'
NAG D-saccharide, beta linking 2-acetamido-2-deoxy-beta-D-glucopyranose 'C8 H15 N O6'
NGO non-polymer 2-METHYL-4,5-DIHYDRO-(1,2-DIDEOXY-ALPHA-D-GLUCOPYRANOSO)[2,1-D]-1,3-OXAZOLE 'C8 H14 N O5 1'
#
# COMPACT_ATOMS: atom_id res chain seq x y z
N GLY A 1 -16.04 32.24 20.92
CA GLY A 1 -14.98 31.50 21.69
C GLY A 1 -13.59 31.55 21.04
N THR A 2 -12.57 31.21 21.83
CA THR A 2 -11.21 31.03 21.32
C THR A 2 -11.07 29.62 20.72
N ILE A 3 -9.81 29.20 20.41
CA ILE A 3 -9.59 27.83 19.98
C ILE A 3 -9.63 26.89 21.16
N THR A 4 -10.65 26.02 21.18
CA THR A 4 -10.96 25.17 22.32
C THR A 4 -10.57 23.69 22.00
N SER A 5 -9.47 23.19 22.58
CA SER A 5 -8.95 21.85 22.29
C SER A 5 -9.18 20.87 23.45
N GLN A 6 -9.13 19.56 23.19
CA GLN A 6 -9.45 18.61 24.26
C GLN A 6 -8.21 17.93 24.84
N ASP A 7 -8.11 17.85 26.17
CA ASP A 7 -6.94 17.26 26.81
C ASP A 7 -7.22 15.86 27.24
N ASP A 8 -8.48 15.56 27.55
CA ASP A 8 -8.80 14.29 28.19
C ASP A 8 -9.50 13.41 27.20
N ASN A 9 -10.09 12.31 27.62
CA ASN A 9 -10.77 11.46 26.69
C ASN A 9 -11.88 12.22 25.97
N VAL A 10 -12.26 11.68 24.80
CA VAL A 10 -13.25 12.29 23.92
C VAL A 10 -14.37 11.32 23.62
N VAL A 11 -15.55 11.87 23.38
CA VAL A 11 -16.67 11.15 22.75
C VAL A 11 -16.99 12.11 21.62
N VAL A 12 -16.66 11.69 20.40
CA VAL A 12 -16.74 12.55 19.22
C VAL A 12 -18.07 12.23 18.55
N GLY A 13 -18.78 13.23 18.07
CA GLY A 13 -20.06 12.98 17.40
C GLY A 13 -20.09 13.82 16.14
N TYR A 14 -20.44 13.21 15.00
CA TYR A 14 -20.62 13.98 13.76
C TYR A 14 -22.04 14.60 13.68
N TRP A 15 -22.12 15.76 13.02
CA TRP A 15 -23.28 16.58 12.95
C TRP A 15 -23.60 16.83 11.47
N HIS A 16 -24.83 16.51 11.05
CA HIS A 16 -25.17 16.53 9.65
C HIS A 16 -25.50 17.95 9.26
N ASN A 17 -24.83 18.48 8.25
CA ASN A 17 -25.26 19.72 7.63
C ASN A 17 -26.33 19.45 6.59
N TRP A 18 -27.38 18.77 6.99
CA TRP A 18 -28.53 18.46 6.13
C TRP A 18 -29.60 17.84 6.98
N CYS A 19 -30.85 17.86 6.47
CA CYS A 19 -31.98 17.25 7.16
C CYS A 19 -32.51 15.92 6.57
N ASP A 20 -33.06 15.10 7.45
CA ASP A 20 -33.87 13.97 7.09
C ASP A 20 -33.08 12.95 6.23
N GLY A 21 -31.83 12.68 6.60
CA GLY A 21 -31.05 11.65 5.91
C GLY A 21 -31.70 10.29 6.18
N ARG A 22 -31.69 9.40 5.19
CA ARG A 22 -32.37 8.12 5.31
C ARG A 22 -31.38 7.08 5.84
N GLY A 23 -31.88 6.20 6.70
CA GLY A 23 -31.11 5.22 7.38
C GLY A 23 -30.95 3.96 6.57
N TYR A 24 -29.79 3.27 6.77
CA TYR A 24 -29.59 1.95 6.20
C TYR A 24 -30.78 1.00 6.42
N GLN A 25 -31.56 1.21 7.49
CA GLN A 25 -32.74 0.35 7.78
C GLN A 25 -34.07 1.11 7.75
N GLY A 26 -34.21 2.05 6.84
CA GLY A 26 -35.47 2.79 6.70
C GLY A 26 -35.70 3.95 7.69
N GLY A 27 -34.83 4.09 8.72
CA GLY A 27 -35.00 5.15 9.70
C GLY A 27 -34.67 6.54 9.16
N ASN A 28 -34.78 7.56 10.04
CA ASN A 28 -34.59 8.97 9.65
C ASN A 28 -33.75 9.76 10.63
N ALA A 29 -32.86 10.58 10.08
CA ALA A 29 -31.99 11.44 10.85
C ALA A 29 -32.31 12.91 10.57
N PRO A 30 -32.99 13.56 11.53
CA PRO A 30 -33.32 14.97 11.34
C PRO A 30 -32.12 15.83 11.58
N CYS A 31 -32.04 16.96 10.89
CA CYS A 31 -31.11 17.98 11.31
C CYS A 31 -31.47 18.43 12.73
N VAL A 32 -30.47 18.83 13.49
CA VAL A 32 -30.68 19.28 14.85
C VAL A 32 -29.81 20.48 15.07
N GLU A 33 -30.29 21.40 15.90
CA GLU A 33 -29.51 22.55 16.30
C GLU A 33 -28.27 22.07 17.10
N LEU A 34 -27.14 22.75 16.95
CA LEU A 34 -25.94 22.35 17.68
C LEU A 34 -26.20 22.32 19.15
N LYS A 35 -27.05 23.24 19.62
CA LYS A 35 -27.19 23.45 21.05
C LYS A 35 -27.91 22.29 21.67
N THR A 36 -28.55 21.42 20.88
CA THR A 36 -29.40 20.37 21.42
C THR A 36 -28.62 19.06 21.57
N VAL A 37 -27.33 19.11 21.26
CA VAL A 37 -26.51 17.93 21.19
C VAL A 37 -26.10 17.63 22.57
N ASN A 38 -26.15 16.37 22.97
CA ASN A 38 -25.92 15.99 24.33
C ASN A 38 -24.55 16.45 24.80
N PRO A 39 -24.47 17.04 26.01
CA PRO A 39 -23.23 17.65 26.45
C PRO A 39 -22.04 16.68 26.51
N GLN A 40 -22.28 15.40 26.76
CA GLN A 40 -21.18 14.47 26.86
C GLN A 40 -20.41 14.19 25.56
N TYR A 41 -20.96 14.62 24.44
CA TYR A 41 -20.22 14.69 23.20
C TYR A 41 -19.34 15.92 23.20
N ASN A 42 -18.10 15.77 23.60
CA ASN A 42 -17.24 16.94 23.76
C ASN A 42 -16.44 17.32 22.52
N VAL A 43 -16.64 16.61 21.40
CA VAL A 43 -16.10 17.01 20.10
C VAL A 43 -17.25 16.80 19.13
N VAL A 44 -17.61 17.85 18.41
CA VAL A 44 -18.72 17.78 17.50
C VAL A 44 -18.15 18.18 16.15
N ASN A 45 -18.24 17.26 15.19
CA ASN A 45 -17.62 17.46 13.87
C ASN A 45 -18.75 17.83 12.90
N ILE A 46 -18.57 18.97 12.25
CA ILE A 46 -19.55 19.52 11.35
C ILE A 46 -19.25 18.92 9.99
N SER A 47 -20.28 18.38 9.38
CA SER A 47 -20.13 17.51 8.21
C SER A 47 -20.94 18.06 7.07
N PHE A 48 -20.31 18.51 5.98
CA PHE A 48 -18.91 18.38 5.62
C PHE A 48 -18.42 19.60 4.87
N MET A 49 -17.12 19.83 4.99
CA MET A 49 -16.43 20.72 4.09
C MET A 49 -16.13 19.94 2.80
N LYS A 50 -16.63 20.43 1.66
CA LYS A 50 -16.44 19.77 0.34
C LYS A 50 -16.43 20.82 -0.77
N VAL A 51 -16.34 20.38 -2.02
CA VAL A 51 -16.51 21.26 -3.17
C VAL A 51 -17.99 21.24 -3.53
N TYR A 52 -18.62 22.41 -3.48
CA TYR A 52 -20.07 22.56 -3.59
C TYR A 52 -20.45 22.82 -5.05
N ASP A 53 -19.58 23.53 -5.78
CA ASP A 53 -19.75 23.78 -7.23
C ASP A 53 -18.37 23.72 -7.89
N ILE A 54 -18.12 22.69 -8.71
CA ILE A 54 -16.88 22.64 -9.52
C ILE A 54 -16.56 24.01 -10.19
N ALA A 55 -17.60 24.82 -10.42
CA ALA A 55 -17.50 26.20 -10.96
C ALA A 55 -16.72 27.19 -10.11
N GLU A 56 -16.85 27.10 -8.80
CA GLU A 56 -16.04 27.93 -7.87
C GLU A 56 -14.57 27.49 -7.77
N GLY A 57 -14.24 26.33 -8.34
CA GLY A 57 -12.87 25.83 -8.35
C GLY A 57 -12.69 24.58 -7.52
N ARG A 58 -11.45 24.28 -7.18
CA ARG A 58 -11.09 22.97 -6.65
C ARG A 58 -10.97 22.99 -5.14
N ILE A 59 -10.81 24.19 -4.60
CA ILE A 59 -10.73 24.32 -3.15
C ILE A 59 -12.12 24.14 -2.54
N PRO A 60 -12.24 23.16 -1.64
CA PRO A 60 -13.52 22.93 -0.99
C PRO A 60 -13.78 23.98 0.07
N THR A 61 -15.05 24.12 0.40
CA THR A 61 -15.46 25.15 1.31
C THR A 61 -16.60 24.59 2.12
N PHE A 62 -17.21 25.43 2.93
CA PHE A 62 -18.34 25.01 3.76
C PHE A 62 -19.51 25.95 3.65
N LYS A 63 -20.66 25.40 3.30
CA LYS A 63 -21.88 26.16 3.10
C LYS A 63 -22.98 25.53 3.93
N LEU A 64 -23.37 26.26 4.96
CA LEU A 64 -24.39 25.82 5.93
C LEU A 64 -25.72 25.64 5.22
N ASP A 65 -26.42 24.58 5.55
CA ASP A 65 -27.70 24.37 4.90
C ASP A 65 -28.76 25.24 5.57
N PRO A 66 -29.26 26.29 4.89
CA PRO A 66 -30.29 27.14 5.52
C PRO A 66 -31.56 26.42 6.00
N THR A 67 -31.81 25.23 5.48
CA THR A 67 -33.06 24.56 5.74
C THR A 67 -33.05 24.02 7.18
N ILE A 68 -31.86 24.00 7.78
CA ILE A 68 -31.67 23.66 9.17
C ILE A 68 -32.23 24.75 10.16
N ALA A 69 -32.46 25.95 9.65
CA ALA A 69 -33.21 26.97 10.40
C ALA A 69 -32.32 27.76 11.36
N LEU A 70 -31.01 27.61 11.18
CA LEU A 70 -30.01 28.45 11.78
C LEU A 70 -29.52 29.50 10.74
N SER A 71 -29.59 30.79 11.09
CA SER A 71 -28.91 31.85 10.30
C SER A 71 -27.41 31.62 10.47
N GLU A 72 -26.61 32.27 9.63
CA GLU A 72 -25.19 32.28 9.80
C GLU A 72 -24.87 32.68 11.22
N ALA A 73 -25.31 33.88 11.65
CA ALA A 73 -24.96 34.37 12.98
C ALA A 73 -25.41 33.42 14.08
N GLU A 74 -26.58 32.81 13.95
CA GLU A 74 -27.04 31.91 15.02
C GLU A 74 -26.14 30.67 15.19
N PHE A 75 -25.64 30.17 14.07
CA PHE A 75 -24.71 29.02 14.07
C PHE A 75 -23.40 29.41 14.73
N ILE A 76 -22.86 30.56 14.35
CA ILE A 76 -21.70 31.10 15.06
C ILE A 76 -21.97 31.17 16.58
N ALA A 77 -23.19 31.58 16.95
CA ALA A 77 -23.54 31.69 18.37
C ALA A 77 -23.59 30.33 19.09
N GLN A 78 -24.23 29.35 18.48
CA GLN A 78 -24.26 28.04 19.10
C GLN A 78 -22.88 27.42 19.20
N ILE A 79 -21.98 27.70 18.24
CA ILE A 79 -20.61 27.20 18.31
C ILE A 79 -19.96 27.84 19.50
N ASP A 80 -20.07 29.15 19.61
CA ASP A 80 -19.69 29.89 20.82
C ASP A 80 -20.14 29.29 22.14
N THR A 81 -21.38 28.84 22.17
CA THR A 81 -21.89 28.25 23.38
C THR A 81 -21.10 26.97 23.64
N LEU A 82 -20.93 26.17 22.62
CA LEU A 82 -20.29 24.89 22.86
C LEU A 82 -18.90 25.20 23.40
N ASN A 83 -18.25 26.20 22.83
CA ASN A 83 -16.89 26.56 23.22
C ASN A 83 -16.86 27.07 24.64
N SER A 84 -17.91 27.76 25.11
CA SER A 84 -17.86 28.19 26.51
C SER A 84 -18.13 27.00 27.46
N GLN A 85 -18.70 25.91 27.00
CA GLN A 85 -18.79 24.76 27.88
C GLN A 85 -17.48 23.95 27.84
N GLY A 86 -16.47 24.43 27.13
CA GLY A 86 -15.24 23.67 27.05
C GLY A 86 -15.30 22.56 25.99
N ARG A 87 -16.27 22.61 25.07
CA ARG A 87 -16.38 21.61 24.02
C ARG A 87 -15.88 22.15 22.70
N SER A 88 -15.44 21.25 21.81
CA SER A 88 -14.74 21.59 20.56
C SER A 88 -15.65 21.35 19.38
N VAL A 89 -15.58 22.19 18.37
CA VAL A 89 -16.33 21.98 17.19
C VAL A 89 -15.41 22.02 16.01
N LEU A 90 -15.37 20.90 15.29
CA LEU A 90 -14.38 20.69 14.24
C LEU A 90 -15.06 20.79 12.88
N ILE A 91 -14.31 21.19 11.86
CA ILE A 91 -14.85 21.08 10.54
C ILE A 91 -14.39 19.79 9.87
N ALA A 92 -15.35 19.03 9.35
CA ALA A 92 -15.08 17.72 8.80
C ALA A 92 -14.96 17.81 7.27
N LEU A 93 -13.77 17.49 6.78
CA LEU A 93 -13.40 17.54 5.38
C LEU A 93 -13.69 16.23 4.70
N GLY A 94 -14.60 16.23 3.76
CA GLY A 94 -14.79 15.04 2.94
C GLY A 94 -16.22 14.53 2.92
N GLY A 95 -16.38 13.28 3.38
CA GLY A 95 -17.65 12.54 3.24
C GLY A 95 -17.95 12.08 1.81
N ALA A 96 -18.98 11.25 1.68
CA ALA A 96 -19.51 10.80 0.37
C ALA A 96 -19.68 11.93 -0.69
N ASP A 97 -19.20 11.61 -1.90
CA ASP A 97 -19.09 12.51 -3.06
C ASP A 97 -18.54 13.90 -2.74
N ALA A 98 -17.33 13.92 -2.22
CA ALA A 98 -16.67 15.17 -1.83
C ALA A 98 -16.32 16.06 -3.04
N HIS A 99 -15.99 15.42 -4.17
CA HIS A 99 -15.47 16.10 -5.37
C HIS A 99 -14.12 16.77 -5.06
N ILE A 100 -13.35 16.18 -4.14
CA ILE A 100 -12.08 16.77 -3.72
C ILE A 100 -10.94 16.11 -4.43
N GLU A 101 -10.37 16.84 -5.38
CA GLU A 101 -9.31 16.33 -6.23
C GLU A 101 -8.34 17.47 -6.48
N LEU A 102 -7.30 17.53 -5.65
CA LEU A 102 -6.41 18.70 -5.58
C LEU A 102 -5.17 18.49 -6.43
N THR A 103 -4.58 19.59 -6.89
CA THR A 103 -3.31 19.48 -7.62
C THR A 103 -2.23 20.21 -6.88
N ARG A 104 -1.04 19.65 -6.89
CA ARG A 104 0.12 20.29 -6.27
C ARG A 104 0.11 21.78 -6.64
N GLY A 105 0.50 22.65 -5.70
CA GLY A 105 0.27 24.11 -5.82
C GLY A 105 -0.87 24.57 -4.92
N ASP A 106 -1.99 23.84 -4.99
CA ASP A 106 -3.22 24.19 -4.26
C ASP A 106 -3.08 24.28 -2.73
N GLU A 107 -1.96 23.83 -2.16
CA GLU A 107 -1.88 23.76 -0.71
C GLU A 107 -2.08 25.13 0.01
N ASP A 108 -1.57 26.19 -0.59
CA ASP A 108 -1.67 27.52 0.01
C ASP A 108 -3.14 27.97 0.01
N ALA A 109 -3.86 27.70 -1.08
CA ALA A 109 -5.25 28.15 -1.20
C ALA A 109 -6.15 27.46 -0.20
N LEU A 110 -6.02 26.12 -0.12
CA LEU A 110 -6.70 25.32 0.90
C LEU A 110 -6.41 25.81 2.33
N ALA A 111 -5.14 26.03 2.62
CA ALA A 111 -4.76 26.49 3.94
C ALA A 111 -5.53 27.78 4.23
N ALA A 112 -5.46 28.76 3.33
CA ALA A 112 -6.15 30.05 3.57
C ALA A 112 -7.64 29.86 3.82
N GLU A 113 -8.26 29.00 3.02
CA GLU A 113 -9.71 28.83 3.12
C GLU A 113 -10.03 28.15 4.45
N ILE A 114 -9.11 27.30 4.94
CA ILE A 114 -9.35 26.65 6.23
C ILE A 114 -9.25 27.68 7.37
N ILE A 115 -8.31 28.62 7.25
CA ILE A 115 -8.13 29.69 8.25
C ILE A 115 -9.29 30.65 8.25
N ARG A 116 -9.72 31.05 7.05
CA ARG A 116 -10.92 31.87 6.91
C ARG A 116 -12.14 31.24 7.59
N LEU A 117 -12.40 29.97 7.31
CA LEU A 117 -13.60 29.32 7.84
C LEU A 117 -13.50 29.18 9.37
N THR A 118 -12.32 28.89 9.90
CA THR A 118 -12.06 28.74 11.35
C THR A 118 -12.22 30.03 12.13
N ASP A 119 -11.70 31.09 11.56
CA ASP A 119 -11.93 32.45 12.06
C ASP A 119 -13.39 32.86 11.97
N LEU A 120 -14.00 32.73 10.80
CA LEU A 120 -15.39 33.11 10.66
C LEU A 120 -16.30 32.38 11.66
N TYR A 121 -16.18 31.06 11.74
CA TYR A 121 -17.22 30.26 12.40
C TYR A 121 -16.86 29.91 13.81
N GLY A 122 -15.56 29.92 14.07
CA GLY A 122 -15.07 29.62 15.37
C GLY A 122 -14.71 28.15 15.56
N PHE A 123 -14.24 27.49 14.49
CA PHE A 123 -13.92 26.08 14.53
C PHE A 123 -12.59 25.92 15.29
N ASP A 124 -12.44 24.76 15.91
CA ASP A 124 -11.38 24.51 16.82
C ASP A 124 -10.38 23.58 16.17
N GLY A 125 -10.64 23.19 14.92
CA GLY A 125 -9.83 22.18 14.26
C GLY A 125 -10.58 21.50 13.15
N LEU A 126 -9.89 20.59 12.46
CA LEU A 126 -10.36 19.92 11.23
C LEU A 126 -10.10 18.39 11.31
N ASP A 127 -11.12 17.65 10.87
CA ASP A 127 -11.15 16.23 10.75
C ASP A 127 -11.06 15.86 9.26
N ILE A 128 -10.00 15.17 8.92
CA ILE A 128 -9.87 14.56 7.60
C ILE A 128 -10.73 13.26 7.44
N ASP A 129 -11.84 13.38 6.74
CA ASP A 129 -12.76 12.26 6.53
C ASP A 129 -13.01 12.00 5.03
N LEU A 130 -11.95 11.71 4.31
CA LEU A 130 -12.03 11.47 2.89
C LEU A 130 -12.60 10.10 2.61
N GLU A 131 -13.67 10.10 1.80
CA GLU A 131 -14.30 8.96 1.13
C GLU A 131 -13.33 8.22 0.26
N GLN A 132 -13.50 6.91 0.22
CA GLN A 132 -12.63 6.06 -0.55
C GLN A 132 -11.95 6.72 -1.78
N ALA A 133 -12.70 7.02 -2.82
CA ALA A 133 -12.13 7.66 -4.01
C ALA A 133 -11.16 8.85 -3.71
N ALA A 134 -11.54 9.73 -2.78
CA ALA A 134 -10.76 10.91 -2.48
C ALA A 134 -9.44 10.66 -1.71
N ILE A 135 -9.29 9.50 -1.06
CA ILE A 135 -8.09 9.28 -0.25
C ILE A 135 -6.90 9.44 -1.16
N THR A 136 -7.04 9.04 -2.42
CA THR A 136 -5.88 8.94 -3.29
C THR A 136 -6.00 9.74 -4.59
N ALA A 137 -7.10 10.48 -4.82
CA ALA A 137 -7.26 11.20 -6.11
C ALA A 137 -6.16 12.25 -6.31
N LYS A 138 -5.80 12.50 -7.57
CA LYS A 138 -4.78 13.48 -7.94
C LYS A 138 -3.69 13.57 -6.88
N ASP A 139 -3.49 14.72 -6.23
CA ASP A 139 -2.39 14.91 -5.25
C ASP A 139 -2.87 15.25 -3.84
N ASN A 140 -4.08 14.79 -3.50
CA ASN A 140 -4.63 15.00 -2.17
C ASN A 140 -3.63 14.53 -1.15
N GLN A 141 -3.03 13.40 -1.46
CA GLN A 141 -2.12 12.76 -0.53
C GLN A 141 -0.94 13.66 -0.24
N PHE A 142 -0.66 14.59 -1.15
CA PHE A 142 0.33 15.62 -0.86
C PHE A 142 -0.25 16.95 -0.40
N VAL A 143 -1.35 17.40 -1.01
CA VAL A 143 -1.84 18.78 -0.79
C VAL A 143 -2.39 18.99 0.62
N ILE A 144 -3.18 18.03 1.08
CA ILE A 144 -3.95 18.16 2.33
C ILE A 144 -3.03 18.08 3.55
N PRO A 145 -2.05 17.18 3.52
CA PRO A 145 -1.05 17.30 4.60
C PRO A 145 -0.24 18.60 4.58
N ALA A 146 0.28 19.01 3.43
CA ALA A 146 0.92 20.32 3.30
C ALA A 146 0.11 21.47 3.85
N ALA A 147 -1.14 21.57 3.44
CA ALA A 147 -2.01 22.65 3.89
C ALA A 147 -2.14 22.68 5.41
N LEU A 148 -2.34 21.50 5.97
CA LEU A 148 -2.66 21.39 7.37
C LEU A 148 -1.43 21.67 8.23
N LYS A 149 -0.25 21.44 7.67
CA LYS A 149 0.93 21.77 8.43
C LYS A 149 0.97 23.27 8.59
N MET A 150 0.64 24.01 7.53
CA MET A 150 0.61 25.48 7.61
C MET A 150 -0.50 26.00 8.55
N VAL A 151 -1.64 25.34 8.59
CA VAL A 151 -2.71 25.81 9.46
C VAL A 151 -2.26 25.62 10.89
N LYS A 152 -1.74 24.45 11.17
CA LYS A 152 -1.31 24.10 12.51
C LYS A 152 -0.28 25.08 13.01
N GLU A 153 0.70 25.38 12.15
CA GLU A 153 1.79 26.30 12.48
C GLU A 153 1.27 27.73 12.70
N HIS A 154 0.28 28.12 11.90
CA HIS A 154 -0.26 29.48 11.94
C HIS A 154 -0.90 29.76 13.29
N TYR A 155 -1.69 28.80 13.76
CA TYR A 155 -2.40 28.95 15.02
C TYR A 155 -1.46 28.69 16.18
N ARG A 156 -0.43 27.86 15.99
CA ARG A 156 0.65 27.76 17.00
C ARG A 156 1.30 29.12 17.28
N LYS A 157 1.52 29.91 16.23
CA LYS A 157 2.10 31.26 16.36
C LYS A 157 1.30 32.23 17.23
N THR A 158 0.06 31.91 17.57
CA THR A 158 -0.73 32.72 18.47
C THR A 158 -1.07 31.90 19.73
N GLY A 159 -0.25 30.89 20.00
CA GLY A 159 -0.41 30.04 21.17
C GLY A 159 -1.63 29.12 21.22
N ASP A 160 -2.23 28.77 20.09
CA ASP A 160 -3.39 27.88 20.06
C ASP A 160 -3.11 26.52 19.42
N ASN A 161 -3.73 25.47 19.94
CA ASN A 161 -3.75 24.16 19.27
C ASN A 161 -4.95 24.03 18.30
N PHE A 162 -4.75 24.32 17.03
CA PHE A 162 -5.74 23.95 15.99
C PHE A 162 -5.70 22.40 15.92
N MET A 163 -6.83 21.75 16.24
CA MET A 163 -6.83 20.32 16.32
C MET A 163 -6.90 19.74 14.93
N ILE A 164 -6.14 18.67 14.71
CA ILE A 164 -6.27 17.79 13.53
C ILE A 164 -6.65 16.38 13.96
N THR A 165 -7.77 15.86 13.41
CA THR A 165 -8.18 14.49 13.60
C THR A 165 -8.40 13.85 12.22
N MET A 166 -8.66 12.55 12.17
CA MET A 166 -8.84 11.84 10.86
C MET A 166 -9.66 10.63 11.19
N ALA A 167 -10.65 10.36 10.32
CA ALA A 167 -11.57 9.22 10.37
C ALA A 167 -11.44 8.22 9.19
N PRO A 168 -10.25 7.66 8.94
CA PRO A 168 -10.04 6.61 7.88
C PRO A 168 -10.78 5.34 8.16
N GLU A 169 -11.39 4.75 7.12
CA GLU A 169 -11.99 3.42 7.23
C GLU A 169 -10.87 2.50 7.63
N PHE A 170 -11.08 1.62 8.65
CA PHE A 170 -9.96 0.86 9.25
C PHE A 170 -9.07 0.05 8.31
N PRO A 171 -9.61 -0.53 7.23
CA PRO A 171 -8.74 -1.24 6.30
C PRO A 171 -7.76 -0.38 5.51
N TYR A 172 -7.86 0.94 5.51
CA TYR A 172 -6.76 1.72 4.94
C TYR A 172 -5.56 1.92 5.90
N LEU A 173 -5.66 1.45 7.14
CA LEU A 173 -4.55 1.67 8.12
C LEU A 173 -3.49 0.57 8.14
N THR A 174 -3.51 -0.36 7.19
CA THR A 174 -2.42 -1.33 7.06
C THR A 174 -1.10 -0.61 6.71
N ALA A 175 0.00 -1.34 6.91
CA ALA A 175 1.35 -0.78 6.89
C ALA A 175 1.66 0.02 5.63
N ASN A 176 1.32 -0.47 4.45
CA ASN A 176 1.58 0.32 3.23
C ASN A 176 0.25 0.80 2.60
N GLY A 177 -0.77 1.00 3.40
CA GLY A 177 -2.09 1.30 2.86
C GLY A 177 -2.28 2.73 2.40
N ALA A 178 -3.48 3.07 1.92
CA ALA A 178 -3.73 4.36 1.28
C ALA A 178 -3.66 5.57 2.25
N TYR A 179 -3.97 5.36 3.53
CA TYR A 179 -3.84 6.47 4.47
C TYR A 179 -2.37 6.74 4.91
N THR A 180 -1.42 5.94 4.42
CA THR A 180 0.01 6.08 4.85
C THR A 180 0.51 7.50 4.89
N PRO A 181 0.43 8.22 3.77
CA PRO A 181 0.96 9.56 3.78
C PRO A 181 0.30 10.55 4.71
N TYR A 182 -1.01 10.43 4.96
CA TYR A 182 -1.61 11.33 5.88
C TYR A 182 -0.97 11.12 7.25
N LEU A 183 -0.90 9.87 7.71
CA LEU A 183 -0.40 9.57 9.05
C LEU A 183 1.07 9.99 9.19
N THR A 184 1.82 9.81 8.11
CA THR A 184 3.25 9.97 8.08
C THR A 184 3.61 11.40 8.11
N GLU A 185 3.11 12.16 7.14
CA GLU A 185 3.44 13.58 7.04
C GLU A 185 2.87 14.44 8.20
N LEU A 186 1.75 14.03 8.75
CA LEU A 186 1.10 14.80 9.86
C LEU A 186 1.51 14.21 11.20
N ASP A 187 2.42 13.27 11.20
CA ASP A 187 2.91 12.79 12.47
C ASP A 187 3.40 13.93 13.36
N GLY A 188 2.84 13.99 14.58
CA GLY A 188 3.17 15.02 15.58
C GLY A 188 2.37 16.30 15.48
N TYR A 189 1.59 16.42 14.41
CA TYR A 189 0.63 17.48 14.22
C TYR A 189 -0.80 17.05 14.63
N TYR A 190 -1.07 15.75 14.59
CA TYR A 190 -2.43 15.31 14.80
C TYR A 190 -2.69 15.01 16.26
N ASP A 191 -3.92 15.25 16.67
CA ASP A 191 -4.36 15.14 18.03
C ASP A 191 -4.91 13.76 18.34
N PHE A 192 -5.72 13.19 17.46
CA PHE A 192 -6.12 11.81 17.60
C PHE A 192 -6.69 11.31 16.27
N ILE A 193 -6.73 10.00 16.08
CA ILE A 193 -7.31 9.44 14.88
C ILE A 193 -8.54 8.77 15.36
N ASN A 194 -9.65 9.01 14.67
CA ASN A 194 -10.81 8.17 14.90
C ASN A 194 -11.18 7.24 13.71
N PRO A 195 -10.55 6.08 13.64
CA PRO A 195 -10.89 5.24 12.52
C PRO A 195 -12.33 4.83 12.51
N GLN A 196 -12.92 4.69 11.31
CA GLN A 196 -14.22 4.07 11.18
C GLN A 196 -14.11 2.50 11.20
N PHE A 197 -14.68 1.87 12.21
CA PHE A 197 -14.78 0.42 12.32
C PHE A 197 -16.19 -0.03 12.02
N TYR A 198 -16.72 0.47 10.92
CA TYR A 198 -17.99 0.01 10.41
C TYR A 198 -18.00 0.10 8.87
N ASN A 199 -19.08 -0.35 8.22
CA ASN A 199 -19.20 -0.37 6.76
C ASN A 199 -18.19 -1.19 5.95
N GLN A 200 -17.39 -2.01 6.61
CA GLN A 200 -16.43 -2.84 5.89
C GLN A 200 -16.82 -4.30 5.85
N GLY A 201 -17.96 -4.62 6.41
CA GLY A 201 -18.53 -5.97 6.24
C GLY A 201 -17.63 -7.02 6.86
N GLY A 202 -17.08 -7.92 6.04
CA GLY A 202 -16.28 -9.06 6.48
C GLY A 202 -14.76 -8.80 6.73
N ASP A 203 -14.25 -7.66 6.27
CA ASP A 203 -12.88 -7.24 6.52
C ASP A 203 -12.57 -7.41 8.02
N GLY A 204 -11.30 -7.53 8.39
CA GLY A 204 -11.01 -7.88 9.78
C GLY A 204 -9.61 -8.34 9.87
N LEU A 205 -9.33 -9.34 10.69
CA LEU A 205 -7.95 -9.86 10.79
C LEU A 205 -7.86 -11.21 11.45
N TRP A 206 -6.80 -11.93 11.08
CA TRP A 206 -6.51 -13.24 11.56
C TRP A 206 -5.73 -13.16 12.85
N ILE A 207 -6.22 -13.86 13.88
CA ILE A 207 -5.53 -13.98 15.15
C ILE A 207 -5.35 -15.45 15.56
N GLU A 208 -4.12 -15.87 15.84
CA GLU A 208 -3.86 -17.30 15.95
C GLU A 208 -4.81 -18.15 16.82
N GLY A 209 -4.99 -17.86 18.10
CA GLY A 209 -5.85 -18.77 18.89
C GLY A 209 -7.36 -18.74 18.57
N VAL A 210 -7.82 -17.75 17.80
CA VAL A 210 -9.24 -17.46 17.63
C VAL A 210 -9.72 -17.66 16.19
N GLY A 211 -8.79 -17.44 15.24
CA GLY A 211 -9.10 -17.42 13.81
C GLY A 211 -9.45 -16.05 13.23
N TRP A 212 -10.42 -16.07 12.32
CA TRP A 212 -10.74 -14.90 11.54
C TRP A 212 -11.74 -14.03 12.29
N ILE A 213 -11.36 -12.81 12.65
CA ILE A 213 -12.30 -11.95 13.38
C ILE A 213 -12.81 -10.81 12.50
N ALA A 214 -14.07 -10.89 12.11
CA ALA A 214 -14.70 -9.95 11.15
C ALA A 214 -15.36 -8.82 11.88
N GLN A 215 -15.31 -7.65 11.29
CA GLN A 215 -16.03 -6.47 11.74
C GLN A 215 -17.54 -6.66 11.80
N ASN A 216 -18.11 -7.53 10.93
CA ASN A 216 -19.57 -7.85 10.98
C ASN A 216 -19.93 -9.08 11.87
N ASN A 217 -19.01 -9.53 12.70
CA ASN A 217 -19.29 -10.71 13.56
C ASN A 217 -19.78 -10.32 14.96
N ASP A 218 -21.08 -10.42 15.18
CA ASP A 218 -21.62 -10.03 16.44
C ASP A 218 -21.26 -10.97 17.58
N ALA A 219 -20.85 -12.19 17.29
CA ALA A 219 -20.38 -13.16 18.29
C ALA A 219 -18.97 -12.84 18.80
N LEU A 220 -18.21 -12.12 18.02
CA LEU A 220 -16.80 -11.89 18.38
C LEU A 220 -16.48 -10.36 18.49
N LYS A 221 -17.48 -9.55 18.79
CA LYS A 221 -17.25 -8.09 18.81
C LYS A 221 -16.15 -7.73 19.81
N GLU A 222 -16.19 -8.31 21.01
CA GLU A 222 -15.17 -8.02 22.01
C GLU A 222 -13.85 -8.32 21.39
N GLU A 223 -13.69 -9.46 20.74
CA GLU A 223 -12.39 -9.79 20.12
C GLU A 223 -12.01 -8.86 18.99
N PHE A 224 -13.00 -8.39 18.28
CA PHE A 224 -12.75 -7.49 17.17
C PHE A 224 -12.20 -6.23 17.66
N ILE A 225 -12.78 -5.68 18.73
CA ILE A 225 -12.41 -4.37 19.22
C ILE A 225 -11.03 -4.57 19.81
N TYR A 226 -10.88 -5.65 20.60
CA TYR A 226 -9.63 -5.78 21.34
C TYR A 226 -8.41 -5.94 20.41
N TYR A 227 -8.39 -7.02 19.63
CA TYR A 227 -7.36 -7.26 18.63
C TYR A 227 -7.11 -6.16 17.59
N ILE A 228 -8.14 -5.53 17.00
CA ILE A 228 -7.79 -4.52 16.03
C ILE A 228 -7.11 -3.29 16.71
N ALA A 229 -7.59 -2.88 17.89
CA ALA A 229 -6.97 -1.79 18.64
C ALA A 229 -5.58 -2.14 19.16
N ASP A 230 -5.43 -3.33 19.71
CA ASP A 230 -4.10 -3.83 20.08
C ASP A 230 -3.10 -3.80 18.90
N SER A 231 -3.60 -4.21 17.75
CA SER A 231 -2.79 -4.16 16.52
C SER A 231 -2.37 -2.74 16.17
N LEU A 232 -3.33 -1.83 16.15
CA LEU A 232 -2.97 -0.40 15.91
C LEU A 232 -2.09 0.25 16.97
N ILE A 233 -2.27 -0.08 18.24
CA ILE A 233 -1.60 0.75 19.22
C ILE A 233 -0.13 0.29 19.36
N ASN A 234 0.16 -0.90 18.86
CA ASN A 234 1.52 -1.47 18.92
C ASN A 234 2.07 -1.56 17.54
N GLY A 235 1.27 -1.31 16.54
CA GLY A 235 1.76 -1.38 15.16
C GLY A 235 2.20 -2.77 14.77
N THR A 236 1.43 -3.75 15.25
CA THR A 236 1.66 -5.13 14.96
C THR A 236 0.54 -5.56 14.02
N ARG A 237 0.73 -6.77 13.46
CA ARG A 237 -0.25 -7.42 12.59
C ARG A 237 -0.54 -6.62 11.34
N ASN A 238 0.52 -6.03 10.79
CA ASN A 238 0.45 -5.36 9.50
C ASN A 238 -0.38 -4.09 9.51
N TYR A 239 -0.45 -3.41 10.68
CA TYR A 239 -1.08 -2.10 10.79
C TYR A 239 -0.08 -1.03 11.20
N HIS A 240 -0.25 0.17 10.66
CA HIS A 240 0.43 1.38 11.11
C HIS A 240 0.08 1.69 12.58
N LYS A 241 1.09 2.12 13.35
CA LYS A 241 0.96 2.36 14.77
C LYS A 241 0.28 3.70 15.08
N ILE A 242 -0.74 3.67 15.92
CA ILE A 242 -1.41 4.89 16.39
C ILE A 242 -1.32 4.73 17.83
N PRO A 243 -0.55 5.56 18.48
CA PRO A 243 -0.40 5.37 19.91
C PRO A 243 -1.77 5.39 20.59
N HIS A 244 -1.87 4.73 21.73
CA HIS A 244 -3.18 4.49 22.28
C HIS A 244 -3.82 5.77 22.82
N ASP A 245 -3.00 6.69 23.29
CA ASP A 245 -3.43 8.01 23.71
C ASP A 245 -4.10 8.79 22.59
N LYS A 246 -3.93 8.27 21.38
CA LYS A 246 -4.35 8.94 20.22
C LYS A 246 -5.36 8.13 19.43
N LEU A 247 -5.86 7.03 20.01
CA LEU A 247 -6.78 6.17 19.32
C LEU A 247 -8.15 6.20 19.94
N VAL A 248 -9.11 6.65 19.10
CA VAL A 248 -10.50 6.77 19.45
C VAL A 248 -11.30 5.85 18.55
N PHE A 249 -12.20 5.06 19.09
CA PHE A 249 -12.78 3.99 18.33
C PHE A 249 -14.13 4.43 17.70
N GLY A 250 -14.21 4.51 16.39
CA GLY A 250 -15.38 5.04 15.73
C GLY A 250 -16.46 4.03 15.48
N LEU A 251 -17.67 4.31 15.92
CA LEU A 251 -18.76 3.38 15.69
C LEU A 251 -19.97 4.01 15.14
N PRO A 252 -20.95 3.21 14.61
CA PRO A 252 -22.27 3.76 14.33
C PRO A 252 -23.07 3.80 15.60
N SER A 253 -24.07 4.70 15.66
CA SER A 253 -24.92 4.89 16.83
C SER A 253 -26.00 3.87 16.93
N ASN A 254 -26.49 3.44 15.76
CA ASN A 254 -27.47 2.41 15.70
C ASN A 254 -27.46 1.71 14.33
N ILE A 255 -28.46 0.87 14.07
CA ILE A 255 -28.45 0.05 12.84
C ILE A 255 -28.81 0.90 11.60
N ASP A 256 -29.28 2.11 11.81
CA ASP A 256 -29.63 3.02 10.70
C ASP A 256 -28.44 3.88 10.25
N ALA A 257 -27.48 4.07 11.15
CA ALA A 257 -26.30 4.97 10.93
C ALA A 257 -25.27 4.43 9.90
N ALA A 258 -25.14 3.10 9.82
CA ALA A 258 -24.18 2.39 8.94
C ALA A 258 -24.72 1.04 8.48
N ALA A 259 -24.12 0.43 7.45
CA ALA A 259 -24.51 -0.93 6.99
C ALA A 259 -24.18 -2.01 7.98
N THR A 260 -22.96 -1.94 8.54
CA THR A 260 -22.54 -2.91 9.48
C THR A 260 -21.60 -2.30 10.52
N GLY A 261 -21.46 -2.95 11.66
CA GLY A 261 -20.47 -2.54 12.65
C GLY A 261 -21.05 -1.97 13.94
N TYR A 262 -22.36 -1.74 13.97
CA TYR A 262 -23.00 -1.32 15.21
C TYR A 262 -22.76 -2.38 16.29
N ILE A 263 -22.52 -1.93 17.51
CA ILE A 263 -22.26 -2.88 18.57
C ILE A 263 -23.61 -3.19 19.24
N GLN A 264 -24.02 -4.46 19.15
CA GLN A 264 -25.29 -4.88 19.71
C GLN A 264 -25.24 -4.85 21.22
N ASP A 265 -24.15 -5.29 21.79
CA ASP A 265 -24.06 -5.42 23.22
C ASP A 265 -22.83 -4.64 23.74
N PRO A 266 -23.10 -3.49 24.39
CA PRO A 266 -22.12 -2.53 24.82
C PRO A 266 -21.03 -3.13 25.68
N GLN A 267 -21.37 -4.20 26.39
CA GLN A 267 -20.43 -4.87 27.25
C GLN A 267 -19.21 -5.26 26.43
N ASP A 268 -19.42 -5.67 25.18
CA ASP A 268 -18.27 -6.11 24.39
C ASP A 268 -17.28 -5.02 24.33
N LEU A 269 -17.75 -3.78 24.15
CA LEU A 269 -16.84 -2.65 24.19
C LEU A 269 -16.23 -2.40 25.60
N TYR A 270 -17.04 -2.42 26.65
CA TYR A 270 -16.46 -2.14 27.96
C TYR A 270 -15.33 -3.14 28.20
N LYS A 271 -15.60 -4.40 27.91
CA LYS A 271 -14.59 -5.40 28.23
C LYS A 271 -13.31 -5.25 27.36
N ALA A 272 -13.53 -5.06 26.07
CA ALA A 272 -12.44 -4.82 25.13
C ALA A 272 -11.61 -3.67 25.64
N PHE A 273 -12.26 -2.51 25.83
CA PHE A 273 -11.52 -1.35 26.38
C PHE A 273 -10.78 -1.63 27.70
N ASP A 274 -11.37 -2.40 28.59
CA ASP A 274 -10.79 -2.65 29.88
C ASP A 274 -9.56 -3.53 29.73
N ARG A 275 -9.62 -4.41 28.74
CA ARG A 275 -8.51 -5.30 28.51
C ARG A 275 -7.33 -4.49 28.02
N LEU A 276 -7.61 -3.48 27.20
CA LEU A 276 -6.57 -2.56 26.76
C LEU A 276 -5.98 -1.78 27.94
N LYS A 277 -6.84 -1.24 28.81
CA LYS A 277 -6.36 -0.63 30.07
C LYS A 277 -5.54 -1.63 30.89
N ALA A 278 -5.93 -2.91 30.93
CA ALA A 278 -5.21 -3.84 31.78
C ALA A 278 -3.83 -4.13 31.25
N GLN A 279 -3.63 -3.92 29.95
CA GLN A 279 -2.23 -3.97 29.45
C GLN A 279 -1.46 -2.65 29.46
N GLY A 280 -2.03 -1.60 30.04
CA GLY A 280 -1.37 -0.30 30.17
C GLY A 280 -1.49 0.52 28.89
N GLN A 281 -2.58 0.33 28.15
CA GLN A 281 -2.81 1.10 26.89
C GLN A 281 -4.28 1.41 26.79
N PRO A 282 -4.81 2.20 27.74
CA PRO A 282 -6.17 2.70 27.63
C PRO A 282 -6.38 3.51 26.38
N LEU A 283 -7.52 3.36 25.72
CA LEU A 283 -7.77 4.16 24.57
C LEU A 283 -8.20 5.54 24.98
N ARG A 284 -8.22 6.41 23.99
CA ARG A 284 -8.52 7.78 24.18
C ARG A 284 -10.04 8.10 24.01
N GLY A 285 -10.85 7.20 23.50
CA GLY A 285 -12.29 7.55 23.35
C GLY A 285 -13.10 6.71 22.42
N VAL A 286 -14.34 7.12 22.15
CA VAL A 286 -15.12 6.59 21.07
C VAL A 286 -15.56 7.74 20.18
N MET A 287 -15.86 7.44 18.92
CA MET A 287 -16.40 8.40 17.99
C MET A 287 -17.70 7.81 17.44
N THR A 288 -18.59 8.64 16.95
CA THR A 288 -19.79 8.01 16.32
C THR A 288 -20.36 8.80 15.19
N TRP A 289 -20.81 8.04 14.18
CA TRP A 289 -21.67 8.56 13.13
C TRP A 289 -23.03 8.16 13.61
N SER A 290 -23.88 9.10 14.10
CA SER A 290 -23.65 10.53 14.20
C SER A 290 -24.54 11.07 15.33
N VAL A 291 -24.39 12.31 15.76
CA VAL A 291 -25.34 12.76 16.81
C VAL A 291 -26.80 12.76 16.28
N ASN A 292 -26.96 13.08 14.99
CA ASN A 292 -28.29 13.09 14.36
C ASN A 292 -28.87 11.71 14.41
N TRP A 293 -28.09 10.71 14.01
CA TRP A 293 -28.61 9.34 14.13
C TRP A 293 -28.93 9.01 15.59
N ASP A 294 -28.13 9.47 16.53
CA ASP A 294 -28.43 9.19 17.94
C ASP A 294 -29.67 9.90 18.38
N MET A 295 -30.07 10.98 17.70
CA MET A 295 -31.33 11.65 18.05
C MET A 295 -32.41 11.33 17.06
N GLY A 296 -32.20 10.28 16.26
CA GLY A 296 -33.04 10.06 15.11
C GLY A 296 -34.21 9.14 15.42
N THR A 297 -34.85 8.61 14.38
CA THR A 297 -35.90 7.61 14.57
C THR A 297 -35.67 6.40 13.66
N ASP A 298 -36.17 5.23 14.10
CA ASP A 298 -36.22 4.05 13.21
C ASP A 298 -37.40 4.14 12.29
N ALA A 299 -37.55 3.05 11.53
CA ALA A 299 -38.43 3.00 10.43
C ALA A 299 -39.90 2.87 10.91
N ALA A 300 -40.14 2.47 12.19
CA ALA A 300 -41.46 2.53 12.83
C ALA A 300 -41.73 3.88 13.49
N ASN A 301 -40.85 4.82 13.18
CA ASN A 301 -40.90 6.12 13.77
C ASN A 301 -40.76 6.08 15.30
N ASN A 302 -40.00 5.10 15.79
CA ASN A 302 -39.53 5.15 17.18
C ASN A 302 -38.24 5.86 17.28
N SER A 303 -38.16 6.72 18.28
CA SER A 303 -37.02 7.58 18.48
C SER A 303 -35.90 6.68 19.00
N TYR A 304 -34.67 6.81 18.50
CA TYR A 304 -33.54 6.13 19.19
C TYR A 304 -33.21 6.67 20.61
N ASN A 305 -33.70 7.86 20.91
CA ASN A 305 -33.52 8.50 22.21
C ASN A 305 -32.16 8.42 22.92
N GLN A 306 -31.12 8.73 22.14
CA GLN A 306 -29.73 8.95 22.66
C GLN A 306 -29.11 7.66 23.15
N GLN A 307 -29.51 6.53 22.59
CA GLN A 307 -29.06 5.25 23.10
C GLN A 307 -27.55 5.18 23.11
N PHE A 308 -26.87 5.70 22.10
CA PHE A 308 -25.41 5.58 22.07
C PHE A 308 -24.71 6.33 23.22
N ILE A 309 -25.08 7.58 23.44
CA ILE A 309 -24.40 8.32 24.50
C ILE A 309 -24.81 7.71 25.85
N LYS A 310 -26.05 7.22 25.90
CA LYS A 310 -26.45 6.41 27.03
C LYS A 310 -25.49 5.23 27.24
N ASP A 311 -25.12 4.48 26.19
CA ASP A 311 -24.27 3.29 26.46
C ASP A 311 -22.79 3.64 26.78
N TYR A 312 -22.28 4.75 26.24
CA TYR A 312 -20.82 4.98 26.27
C TYR A 312 -20.29 6.29 26.89
N GLY A 313 -21.13 7.30 27.06
CA GLY A 313 -20.69 8.61 27.57
C GLY A 313 -20.03 8.50 28.92
N ASN A 314 -20.77 8.00 29.89
CA ASN A 314 -20.22 7.85 31.23
C ASN A 314 -18.97 6.96 31.21
N PHE A 315 -19.01 5.91 30.39
CA PHE A 315 -17.93 4.98 30.36
C PHE A 315 -16.60 5.59 29.96
N ILE A 316 -16.61 6.31 28.85
CA ILE A 316 -15.45 6.98 28.32
C ILE A 316 -15.06 8.17 29.22
N HIS A 317 -16.02 8.99 29.65
CA HIS A 317 -15.62 10.14 30.48
C HIS A 317 -15.07 9.80 31.87
N ASN A 318 -15.57 8.74 32.49
CA ASN A 318 -15.03 8.33 33.80
C ASN A 318 -13.82 7.42 33.66
N GLN A 319 -12.79 7.92 33.00
CA GLN A 319 -11.56 7.21 32.84
C GLN A 319 -10.43 8.17 33.17
N LEU A 320 -9.29 7.64 33.61
CA LEU A 320 -8.17 8.49 33.88
C LEU A 320 -7.82 9.26 32.61
N PRO A 321 -7.21 10.43 32.75
CA PRO A 321 -6.74 11.18 31.58
C PRO A 321 -5.62 10.49 30.81
N PRO A 322 -5.51 10.81 29.53
CA PRO A 322 -4.49 10.10 28.73
C PRO A 322 -3.07 10.41 29.18
N VAL A 323 -2.18 9.44 29.05
CA VAL A 323 -0.76 9.55 29.39
C VAL A 323 -0.02 9.45 28.05
N THR A 324 0.75 10.44 27.63
CA THR A 324 1.31 10.43 26.24
C THR A 324 2.49 9.51 25.94
N ASP A 325 2.28 8.50 25.10
CA ASP A 325 3.32 7.65 24.53
C ASP A 325 4.36 8.46 23.73
N MET A 326 5.58 8.63 24.29
CA MET A 326 6.58 9.50 23.64
C MET A 326 7.60 8.72 22.78
N THR A 327 7.30 7.47 22.45
CA THR A 327 8.17 6.75 21.55
C THR A 327 8.34 7.53 20.22
N PRO A 328 9.59 7.71 19.73
CA PRO A 328 9.85 8.33 18.45
C PRO A 328 9.55 7.34 17.34
N THR A 329 9.61 7.77 16.09
CA THR A 329 9.30 6.88 14.95
C THR A 329 10.50 6.80 13.97
N LEU A 330 10.75 5.61 13.41
CA LEU A 330 11.63 5.46 12.24
C LEU A 330 10.78 5.36 10.96
N SER A 331 11.46 5.46 9.81
CA SER A 331 10.81 5.66 8.49
C SER A 331 11.65 5.31 7.26
N GLY A 332 11.10 4.56 6.31
CA GLY A 332 11.80 4.18 5.09
C GLY A 332 12.62 2.92 5.20
N ILE A 333 12.48 2.22 6.32
CA ILE A 333 13.14 0.93 6.54
C ILE A 333 12.37 -0.19 5.87
N VAL A 334 12.76 -0.60 4.66
CA VAL A 334 12.12 -1.70 3.91
C VAL A 334 13.22 -2.75 3.71
N ASP A 335 12.93 -4.05 3.83
CA ASP A 335 14.01 -5.01 3.51
C ASP A 335 14.46 -4.81 2.04
N THR A 336 15.73 -5.02 1.75
CA THR A 336 16.24 -4.60 0.44
C THR A 336 17.14 -5.63 -0.22
N ARG A 337 17.17 -5.59 -1.55
CA ARG A 337 17.98 -6.48 -2.36
C ARG A 337 19.08 -5.73 -3.10
N VAL A 338 20.33 -6.09 -2.82
CA VAL A 338 21.45 -5.44 -3.48
C VAL A 338 22.23 -6.46 -4.27
N GLU A 339 22.64 -6.07 -5.46
CA GLU A 339 23.47 -6.92 -6.30
C GLU A 339 24.86 -7.07 -5.75
N LEU A 340 25.42 -8.27 -5.92
CA LEU A 340 26.83 -8.56 -5.56
C LEU A 340 27.74 -7.39 -6.02
N ASP A 341 28.68 -6.98 -5.15
CA ASP A 341 29.65 -5.90 -5.47
C ASP A 341 29.12 -4.45 -5.73
N SER A 342 27.81 -4.22 -5.77
CA SER A 342 27.29 -2.84 -5.80
C SER A 342 27.64 -2.03 -4.53
N HIS A 343 27.65 -0.71 -4.63
CA HIS A 343 27.78 0.11 -3.44
C HIS A 343 26.42 0.28 -2.77
N PHE A 344 26.38 0.00 -1.46
CA PHE A 344 25.17 0.18 -0.66
C PHE A 344 25.44 1.04 0.60
N ASP A 345 24.59 2.06 0.81
CA ASP A 345 24.68 2.95 1.97
C ASP A 345 23.44 2.72 2.86
N PRO A 346 23.66 2.38 4.15
CA PRO A 346 22.55 2.04 5.02
C PRO A 346 21.72 3.21 5.55
N LEU A 347 22.16 4.46 5.45
CA LEU A 347 21.27 5.55 5.89
C LEU A 347 20.33 6.08 4.80
N ILE A 348 20.66 5.85 3.52
CA ILE A 348 19.92 6.53 2.45
C ILE A 348 18.49 6.06 2.48
N GLY A 349 17.59 7.03 2.58
CA GLY A 349 16.16 6.75 2.62
C GLY A 349 15.57 6.57 4.00
N ILE A 350 16.41 6.55 5.04
CA ILE A 350 15.96 6.45 6.40
C ILE A 350 15.85 7.84 7.00
N THR A 351 14.86 8.00 7.87
CA THR A 351 14.57 9.28 8.50
C THR A 351 13.90 8.92 9.84
N ALA A 352 13.70 9.92 10.69
CA ALA A 352 13.13 9.63 12.01
C ALA A 352 12.48 10.88 12.58
N LYS A 353 11.66 10.71 13.60
CA LYS A 353 11.02 11.84 14.23
C LYS A 353 10.75 11.57 15.70
N ASP A 354 10.71 12.62 16.49
CA ASP A 354 10.20 12.50 17.84
C ASP A 354 8.67 12.48 17.81
N TYR A 355 8.06 12.38 18.98
CA TYR A 355 6.61 12.24 19.11
C TYR A 355 5.89 13.53 18.80
N GLN A 356 6.61 14.63 18.62
CA GLN A 356 5.99 15.87 18.20
C GLN A 356 6.27 16.22 16.74
N GLY A 357 6.84 15.30 15.97
CA GLY A 357 7.07 15.53 14.56
C GLY A 357 8.43 16.17 14.26
N ASN A 358 9.23 16.47 15.28
CA ASN A 358 10.52 17.10 14.96
C ASN A 358 11.37 16.10 14.27
N ASP A 359 12.03 16.53 13.21
CA ASP A 359 12.98 15.66 12.48
C ASP A 359 14.19 15.34 13.39
N ILE A 360 14.44 14.07 13.71
CA ILE A 360 15.61 13.68 14.50
C ILE A 360 16.40 12.67 13.70
N THR A 361 16.42 12.87 12.39
CA THR A 361 17.02 11.89 11.50
C THR A 361 18.51 11.78 11.72
N ALA A 362 19.11 12.88 12.17
CA ALA A 362 20.54 12.90 12.48
C ALA A 362 20.91 11.90 13.57
N ASP A 363 19.92 11.52 14.38
CA ASP A 363 20.17 10.79 15.63
C ASP A 363 20.13 9.29 15.45
N VAL A 364 19.82 8.88 14.24
CA VAL A 364 19.68 7.48 13.91
C VAL A 364 21.06 6.82 13.97
N THR A 365 21.08 5.59 14.46
CA THR A 365 22.32 4.82 14.46
C THR A 365 21.94 3.44 14.04
N VAL A 366 22.92 2.67 13.65
CA VAL A 366 22.70 1.40 13.02
C VAL A 366 23.69 0.34 13.50
N SER A 367 23.16 -0.85 13.76
CA SER A 367 23.93 -1.94 14.36
C SER A 367 24.02 -3.06 13.33
N GLY A 368 25.16 -3.74 13.26
CA GLY A 368 25.36 -4.73 12.18
C GLY A 368 25.80 -4.05 10.90
N SER A 369 26.17 -4.85 9.90
CA SER A 369 26.86 -4.36 8.70
C SER A 369 26.72 -5.33 7.50
N VAL A 370 26.88 -4.84 6.26
CA VAL A 370 26.65 -5.68 5.08
C VAL A 370 27.87 -5.75 4.19
N ASN A 371 28.10 -6.94 3.59
CA ASN A 371 29.20 -7.15 2.67
C ASN A 371 28.66 -7.28 1.29
N THR A 372 28.68 -6.18 0.56
CA THR A 372 28.19 -6.12 -0.82
C THR A 372 28.94 -7.15 -1.70
N ASN A 373 30.14 -7.54 -1.28
CA ASN A 373 30.99 -8.49 -2.03
C ASN A 373 30.74 -9.98 -1.74
N GLN A 374 29.92 -10.33 -0.73
CA GLN A 374 29.57 -11.76 -0.49
C GLN A 374 28.05 -12.08 -0.51
N VAL A 375 27.61 -12.73 -1.60
CA VAL A 375 26.21 -13.22 -1.73
C VAL A 375 25.75 -13.78 -0.40
N GLY A 376 24.52 -13.46 -0.02
CA GLY A 376 23.98 -13.88 1.27
C GLY A 376 23.17 -12.78 1.90
N ASP A 377 22.53 -13.12 3.05
CA ASP A 377 21.72 -12.20 3.85
C ASP A 377 22.57 -11.52 4.87
N TYR A 378 22.16 -10.33 5.29
CA TYR A 378 22.81 -9.55 6.33
C TYR A 378 21.69 -8.80 7.01
N LEU A 379 21.72 -8.70 8.34
CA LEU A 379 20.64 -8.11 9.14
C LEU A 379 21.12 -6.87 9.88
N LEU A 380 20.44 -5.75 9.68
CA LEU A 380 20.81 -4.51 10.35
C LEU A 380 19.78 -4.15 11.40
N THR A 381 20.11 -3.22 12.28
CA THR A 381 19.17 -2.78 13.29
C THR A 381 19.30 -1.30 13.62
N TYR A 382 18.33 -0.52 13.14
CA TYR A 382 18.28 0.93 13.35
C TYR A 382 17.68 1.24 14.69
N SER A 383 18.06 2.38 15.24
CA SER A 383 17.70 2.81 16.59
C SER A 383 17.68 4.32 16.61
N VAL A 384 16.76 4.88 17.36
CA VAL A 384 16.80 6.30 17.60
C VAL A 384 16.11 6.53 18.92
N SER A 385 16.53 7.56 19.62
CA SER A 385 16.11 7.80 20.99
C SER A 385 15.80 9.26 21.10
N SER A 386 14.73 9.57 21.82
CA SER A 386 14.35 10.97 22.10
C SER A 386 13.41 10.94 23.30
N ASP A 387 13.55 11.91 24.21
CA ASP A 387 12.64 12.01 25.37
C ASP A 387 12.60 10.66 26.13
N ASP A 388 13.78 10.08 26.36
CA ASP A 388 13.89 8.83 27.08
C ASP A 388 12.97 7.72 26.58
N GLU A 389 12.76 7.64 25.27
CA GLU A 389 12.17 6.48 24.71
C GLU A 389 13.05 6.08 23.54
N THR A 390 12.92 4.84 23.09
CA THR A 390 13.78 4.30 22.08
C THR A 390 12.96 3.41 21.19
N THR A 391 13.04 3.62 19.87
CA THR A 391 12.47 2.66 18.95
C THR A 391 13.61 2.05 18.21
N ASN A 392 13.45 0.77 17.93
CA ASN A 392 14.37 0.01 17.16
C ASN A 392 13.55 -0.53 16.05
N GLN A 393 14.21 -1.08 15.06
CA GLN A 393 13.51 -1.64 13.93
C GLN A 393 14.57 -2.26 13.06
N PRO A 394 14.29 -3.44 12.50
CA PRO A 394 15.32 -4.22 11.89
C PRO A 394 15.11 -4.25 10.40
N ARG A 395 16.17 -4.62 9.68
CA ARG A 395 16.14 -4.55 8.22
C ARG A 395 17.00 -5.59 7.61
N LYS A 396 16.47 -6.30 6.64
CA LYS A 396 17.17 -7.41 6.01
C LYS A 396 17.73 -6.97 4.67
N ILE A 397 19.03 -7.17 4.48
CA ILE A 397 19.72 -6.82 3.25
C ILE A 397 20.20 -8.12 2.62
N THR A 398 19.80 -8.39 1.38
CA THR A 398 20.11 -9.67 0.74
C THR A 398 20.93 -9.42 -0.51
N VAL A 399 22.20 -9.82 -0.46
CA VAL A 399 23.10 -9.69 -1.57
C VAL A 399 22.90 -10.93 -2.47
N TYR A 400 22.72 -10.68 -3.76
CA TYR A 400 22.43 -11.77 -4.69
C TYR A 400 23.25 -11.52 -5.92
N GLU A 401 23.40 -12.53 -6.76
CA GLU A 401 24.07 -12.31 -8.03
C GLU A 401 23.19 -12.71 -9.15
N ILE A 402 23.59 -12.33 -10.36
CA ILE A 402 22.87 -12.65 -11.54
C ILE A 402 23.77 -13.36 -12.50
N LEU A 403 23.20 -14.33 -13.21
CA LEU A 403 23.97 -15.03 -14.23
C LEU A 403 24.04 -14.09 -15.44
N PRO A 404 25.16 -14.12 -16.18
CA PRO A 404 25.21 -13.53 -17.53
C PRO A 404 24.29 -14.25 -18.55
N ALA A 405 24.19 -13.74 -19.76
CA ALA A 405 23.52 -14.41 -20.87
C ALA A 405 24.44 -14.44 -22.09
N PHE A 406 24.35 -15.52 -22.86
CA PHE A 406 25.02 -15.61 -24.14
C PHE A 406 24.06 -15.12 -25.20
N THR A 407 24.57 -14.74 -26.37
CA THR A 407 23.73 -14.58 -27.55
C THR A 407 24.49 -14.99 -28.81
N GLY A 408 23.73 -15.45 -29.82
CA GLY A 408 24.28 -15.92 -31.09
C GLY A 408 24.86 -17.32 -31.16
N ILE A 409 24.70 -18.12 -30.08
CA ILE A 409 25.17 -19.51 -30.03
C ILE A 409 24.08 -20.47 -30.50
N THR A 410 23.61 -20.23 -31.71
CA THR A 410 22.54 -20.98 -32.25
C THR A 410 23.17 -22.02 -33.23
N ASP A 411 22.66 -23.25 -33.20
CA ASP A 411 23.06 -24.26 -34.18
C ASP A 411 22.92 -23.65 -35.60
N THR A 412 23.93 -23.86 -36.43
CA THR A 412 23.95 -23.20 -37.73
C THR A 412 24.52 -24.16 -38.76
N THR A 413 24.07 -23.99 -40.00
CA THR A 413 24.55 -24.80 -41.13
C THR A 413 25.29 -23.94 -42.15
N VAL A 414 26.50 -24.33 -42.56
CA VAL A 414 27.24 -23.56 -43.58
C VAL A 414 27.72 -24.41 -44.78
N VAL A 415 28.15 -23.71 -45.83
CA VAL A 415 28.57 -24.32 -47.09
C VAL A 415 30.08 -24.61 -47.15
N ILE A 416 30.43 -25.73 -47.78
CA ILE A 416 31.79 -26.17 -47.96
C ILE A 416 32.64 -25.00 -48.48
N ASP A 417 33.80 -24.83 -47.84
CA ASP A 417 34.85 -23.85 -48.23
C ASP A 417 34.62 -22.38 -47.88
N SER A 418 33.44 -22.09 -47.35
CA SER A 418 33.20 -20.79 -46.81
C SER A 418 34.12 -20.48 -45.63
N GLU A 419 34.22 -19.21 -45.30
CA GLU A 419 34.95 -18.78 -44.11
C GLU A 419 34.01 -18.86 -42.97
N PHE A 420 34.51 -19.30 -41.82
CA PHE A 420 33.66 -19.38 -40.66
C PHE A 420 34.37 -18.85 -39.43
N ASP A 421 33.72 -17.90 -38.80
CA ASP A 421 34.26 -17.17 -37.68
C ASP A 421 33.37 -17.56 -36.48
N PRO A 422 33.90 -18.37 -35.54
CA PRO A 422 32.99 -18.82 -34.48
C PRO A 422 32.57 -17.72 -33.47
N MET A 423 33.15 -16.53 -33.55
CA MET A 423 32.68 -15.39 -32.75
C MET A 423 31.79 -14.41 -33.53
N GLN A 424 31.68 -14.57 -34.84
CA GLN A 424 30.69 -13.81 -35.61
C GLN A 424 29.34 -13.89 -34.93
N GLY A 425 28.76 -12.73 -34.62
CA GLY A 425 27.39 -12.66 -34.07
C GLY A 425 27.23 -13.28 -32.68
N VAL A 426 28.34 -13.39 -31.97
CA VAL A 426 28.31 -13.96 -30.63
C VAL A 426 28.77 -12.95 -29.56
N SER A 427 28.07 -12.94 -28.43
CA SER A 427 28.44 -12.05 -27.31
C SER A 427 27.84 -12.53 -26.01
N ALA A 428 28.16 -11.80 -24.96
CA ALA A 428 27.80 -12.19 -23.61
C ALA A 428 27.59 -10.90 -22.86
N SER A 429 26.74 -10.92 -21.85
CA SER A 429 26.48 -9.72 -21.04
C SER A 429 26.07 -10.04 -19.62
N HIS A 430 26.22 -9.02 -18.81
CA HIS A 430 25.79 -9.07 -17.43
C HIS A 430 25.34 -7.65 -17.04
N PRO A 431 24.35 -7.54 -16.13
CA PRO A 431 23.83 -6.17 -15.91
C PRO A 431 24.82 -5.22 -15.28
N THR A 432 25.59 -5.71 -14.32
CA THR A 432 26.66 -4.93 -13.69
C THR A 432 27.88 -4.83 -14.61
N GLN A 433 28.42 -6.00 -14.97
CA GLN A 433 29.77 -6.05 -15.52
C GLN A 433 29.76 -5.68 -16.99
N GLY A 434 28.59 -5.59 -17.62
CA GLY A 434 28.55 -5.15 -19.03
C GLY A 434 28.95 -6.18 -20.09
N ASP A 435 29.59 -5.68 -21.14
CA ASP A 435 30.03 -6.49 -22.28
C ASP A 435 31.08 -7.55 -21.93
N LEU A 436 30.67 -8.82 -21.99
CA LEU A 436 31.57 -9.94 -21.62
C LEU A 436 32.17 -10.73 -22.81
N THR A 437 31.88 -10.26 -24.00
CA THR A 437 32.33 -10.91 -25.20
C THR A 437 33.81 -11.33 -25.19
N ALA A 438 34.69 -10.51 -24.61
CA ALA A 438 36.11 -10.81 -24.60
C ALA A 438 36.43 -11.92 -23.64
N ASN A 439 35.44 -12.33 -22.84
CA ASN A 439 35.65 -13.30 -21.80
C ASN A 439 35.21 -14.70 -22.22
N ILE A 440 34.75 -14.83 -23.48
CA ILE A 440 34.31 -16.10 -24.06
C ILE A 440 35.47 -16.88 -24.71
N THR A 441 35.54 -18.19 -24.48
CA THR A 441 36.53 -19.03 -25.19
C THR A 441 35.76 -20.07 -25.95
N VAL A 442 36.39 -20.62 -26.98
CA VAL A 442 35.74 -21.62 -27.85
C VAL A 442 36.55 -22.88 -27.77
N THR A 443 35.97 -24.01 -27.37
CA THR A 443 36.62 -25.30 -27.55
C THR A 443 36.11 -26.07 -28.80
N GLY A 444 37.04 -26.61 -29.58
CA GLY A 444 36.71 -27.29 -30.82
C GLY A 444 36.88 -26.37 -32.00
N GLU A 445 36.95 -26.95 -33.19
CA GLU A 445 37.09 -26.19 -34.40
C GLU A 445 36.16 -26.73 -35.46
N VAL A 446 35.96 -25.91 -36.47
CA VAL A 446 35.24 -26.23 -37.65
C VAL A 446 36.22 -26.30 -38.83
N ASP A 447 36.19 -27.40 -39.60
CA ASP A 447 36.91 -27.51 -40.86
C ASP A 447 35.90 -27.44 -42.00
N THR A 448 35.80 -26.27 -42.62
CA THR A 448 34.79 -26.02 -43.62
C THR A 448 35.17 -26.61 -45.00
N ASN A 449 36.39 -27.13 -45.14
CA ASN A 449 36.79 -27.88 -46.34
C ASN A 449 36.22 -29.32 -46.30
N VAL A 450 35.74 -29.77 -45.14
CA VAL A 450 35.34 -31.19 -44.88
C VAL A 450 33.89 -31.36 -44.29
N VAL A 451 32.97 -31.76 -45.16
CA VAL A 451 31.57 -32.07 -44.81
C VAL A 451 31.48 -32.81 -43.50
N GLY A 452 30.51 -32.42 -42.69
CA GLY A 452 30.40 -32.98 -41.36
C GLY A 452 29.74 -32.04 -40.38
N VAL A 453 29.59 -32.56 -39.17
CA VAL A 453 28.97 -31.89 -38.06
C VAL A 453 30.10 -31.59 -37.13
N TYR A 454 30.20 -30.34 -36.69
CA TYR A 454 31.24 -29.91 -35.79
C TYR A 454 30.66 -29.27 -34.52
N GLU A 455 31.04 -29.81 -33.37
CA GLU A 455 30.57 -29.40 -32.05
C GLU A 455 31.58 -28.41 -31.40
N LEU A 456 31.09 -27.22 -31.08
CA LEU A 456 31.89 -26.21 -30.42
C LEU A 456 31.41 -26.02 -29.01
N THR A 457 32.31 -26.04 -28.05
CA THR A 457 31.89 -25.64 -26.71
C THR A 457 32.32 -24.17 -26.42
N TYR A 458 31.34 -23.31 -26.15
CA TYR A 458 31.62 -21.92 -25.73
C TYR A 458 31.66 -21.84 -24.21
N GLN A 459 32.65 -21.13 -23.70
CA GLN A 459 32.75 -20.94 -22.28
C GLN A 459 32.83 -19.44 -21.96
N LEU A 460 32.01 -18.97 -21.02
CA LEU A 460 32.14 -17.59 -20.56
C LEU A 460 32.74 -17.64 -19.17
N PHE A 461 33.78 -16.85 -18.93
CA PHE A 461 34.41 -16.79 -17.60
C PHE A 461 34.17 -15.41 -17.07
N TYR A 462 33.40 -15.31 -15.99
CA TYR A 462 32.99 -14.01 -15.42
C TYR A 462 33.48 -13.85 -13.96
N GLY A 463 33.05 -12.77 -13.32
CA GLY A 463 33.17 -12.62 -11.90
C GLY A 463 34.51 -12.09 -11.53
N GLN A 464 34.80 -12.10 -10.25
CA GLN A 464 36.06 -11.58 -9.80
C GLN A 464 37.14 -12.58 -10.14
N ASP A 465 38.25 -12.07 -10.68
CA ASP A 465 39.31 -12.87 -11.29
C ASP A 465 38.83 -13.96 -12.24
N ASN A 466 37.64 -13.81 -12.81
CA ASN A 466 37.19 -14.67 -13.89
C ASN A 466 37.03 -16.13 -13.48
N GLN A 467 36.52 -16.35 -12.28
CA GLN A 467 36.60 -17.67 -11.67
C GLN A 467 35.29 -18.35 -11.66
N GLN A 468 34.31 -17.69 -12.23
CA GLN A 468 33.02 -18.28 -12.40
C GLN A 468 32.80 -18.51 -13.87
N ASN A 469 32.15 -19.62 -14.17
CA ASN A 469 32.07 -20.06 -15.52
C ASN A 469 30.61 -20.43 -15.90
N MET A 470 30.27 -20.29 -17.17
CA MET A 470 29.10 -20.97 -17.69
C MET A 470 29.46 -21.52 -19.08
N THR A 471 28.67 -22.48 -19.54
CA THR A 471 28.97 -23.22 -20.74
C THR A 471 27.73 -23.31 -21.57
N ASP A 472 27.82 -23.00 -22.86
CA ASP A 472 26.85 -23.46 -23.83
C ASP A 472 27.57 -24.22 -24.97
N LYS A 473 26.83 -24.99 -25.75
CA LYS A 473 27.33 -25.78 -26.89
C LYS A 473 26.59 -25.41 -28.20
N ARG A 474 27.28 -25.54 -29.32
CA ARG A 474 26.72 -25.28 -30.67
C ARG A 474 27.19 -26.32 -31.68
N ILE A 475 26.36 -26.58 -32.67
CA ILE A 475 26.62 -27.58 -33.68
C ILE A 475 26.79 -26.83 -34.98
N VAL A 476 27.99 -26.84 -35.55
CA VAL A 476 28.12 -26.27 -36.89
C VAL A 476 28.25 -27.40 -37.91
N THR A 477 27.30 -27.40 -38.86
CA THR A 477 27.16 -28.43 -39.89
C THR A 477 27.58 -27.91 -41.24
N VAL A 478 28.69 -28.46 -41.76
CA VAL A 478 29.19 -28.15 -43.09
C VAL A 478 28.58 -29.07 -44.15
N VAL A 479 27.88 -28.48 -45.10
CA VAL A 479 27.19 -29.22 -46.14
C VAL A 479 27.71 -28.87 -47.50
N THR A 480 27.78 -29.88 -48.33
CA THR A 480 28.16 -29.70 -49.71
C THR A 480 27.13 -28.86 -50.44
N ASP A 481 27.58 -28.00 -51.33
CA ASP A 481 26.68 -27.33 -52.26
C ASP A 481 26.36 -28.20 -53.47
N ALA A 482 27.26 -29.16 -53.78
CA ALA A 482 27.21 -29.93 -55.05
C ALA A 482 25.94 -30.78 -55.21
N VAL A 483 25.07 -30.37 -56.14
CA VAL A 483 23.81 -31.08 -56.42
C VAL A 483 24.04 -32.55 -56.83
N SER A 484 23.09 -33.40 -56.42
CA SER A 484 23.22 -34.84 -56.58
C SER A 484 21.86 -35.47 -56.93
N ASP A 485 21.78 -36.82 -56.91
CA ASP A 485 20.54 -37.52 -57.25
C ASP A 485 19.46 -37.38 -56.18
N ASP A 486 18.21 -37.28 -56.61
CA ASP A 486 17.09 -37.06 -55.69
C ASP A 486 17.01 -38.22 -54.73
N ASP A 487 16.54 -37.93 -53.51
CA ASP A 487 16.36 -38.99 -52.51
C ASP A 487 15.34 -39.98 -52.99
N TRP A 488 15.51 -41.22 -52.54
CA TRP A 488 14.53 -42.29 -52.77
C TRP A 488 13.35 -42.03 -51.90
N GLN A 489 12.14 -42.13 -52.44
CA GLN A 489 10.94 -42.24 -51.60
C GLN A 489 10.19 -43.54 -51.84
N VAL A 490 9.58 -44.03 -50.78
CA VAL A 490 8.91 -45.31 -50.81
C VAL A 490 7.74 -45.24 -51.80
N GLY A 491 7.14 -44.07 -51.98
CA GLY A 491 6.01 -43.88 -52.90
C GLY A 491 6.28 -43.79 -54.40
N SER A 492 7.47 -43.35 -54.80
CA SER A 492 7.73 -43.22 -56.25
C SER A 492 7.85 -44.58 -56.94
N THR A 493 7.81 -44.56 -58.27
CA THR A 493 8.05 -45.76 -59.13
C THR A 493 9.34 -45.48 -59.93
N TYR A 494 10.29 -46.42 -59.97
CA TYR A 494 11.55 -46.11 -60.66
C TYR A 494 11.75 -47.15 -61.71
N VAL A 495 12.59 -46.87 -62.71
CA VAL A 495 12.81 -47.81 -63.82
C VAL A 495 14.26 -48.04 -64.08
N LYS A 496 14.55 -49.07 -64.88
CA LYS A 496 15.93 -49.45 -65.13
C LYS A 496 16.71 -48.17 -65.40
N ASP A 497 17.79 -48.02 -64.64
CA ASP A 497 18.76 -46.93 -64.77
C ASP A 497 18.38 -45.65 -64.08
N ASP A 498 17.24 -45.61 -63.43
CA ASP A 498 16.97 -44.46 -62.56
C ASP A 498 17.93 -44.50 -61.39
N LYS A 499 18.30 -43.34 -60.89
CA LYS A 499 19.21 -43.26 -59.76
C LYS A 499 18.58 -42.48 -58.61
N VAL A 500 19.00 -42.82 -57.41
CA VAL A 500 18.47 -42.19 -56.23
C VAL A 500 19.59 -42.09 -55.24
N THR A 501 19.51 -41.12 -54.34
CA THR A 501 20.29 -41.10 -53.12
C THR A 501 19.41 -41.72 -52.02
N HIS A 502 20.03 -42.55 -51.19
CA HIS A 502 19.46 -43.09 -49.97
C HIS A 502 20.56 -43.60 -49.04
N ASN A 503 20.46 -43.19 -47.77
CA ASN A 503 21.38 -43.52 -46.70
C ASN A 503 22.82 -43.33 -47.16
N GLY A 504 23.11 -42.16 -47.66
CA GLY A 504 24.49 -41.85 -47.99
C GLY A 504 25.05 -42.30 -49.32
N ALA A 505 24.38 -43.19 -50.03
CA ALA A 505 24.86 -43.71 -51.27
C ALA A 505 23.92 -43.43 -52.43
N THR A 506 24.45 -43.70 -53.62
CA THR A 506 23.75 -43.52 -54.88
C THR A 506 23.46 -44.87 -55.48
N TRP A 507 22.20 -45.16 -55.79
CA TRP A 507 21.79 -46.48 -56.24
C TRP A 507 21.24 -46.39 -57.66
N THR A 508 21.27 -47.49 -58.41
CA THR A 508 20.74 -47.49 -59.79
C THR A 508 19.73 -48.65 -59.81
N ALA A 509 18.48 -48.38 -60.15
CA ALA A 509 17.44 -49.42 -60.27
C ALA A 509 17.81 -50.35 -61.43
N GLN A 510 17.73 -51.67 -61.22
CA GLN A 510 17.99 -52.63 -62.33
C GLN A 510 16.74 -52.92 -63.17
N TRP A 511 15.55 -52.57 -62.66
CA TRP A 511 14.26 -52.75 -63.36
C TRP A 511 13.08 -52.07 -62.58
N TRP A 512 11.83 -52.35 -62.95
CA TRP A 512 10.68 -51.67 -62.35
C TRP A 512 10.59 -51.89 -60.83
N THR A 513 10.59 -50.79 -60.07
CA THR A 513 10.46 -50.90 -58.62
C THR A 513 9.59 -49.82 -57.96
N LYS A 514 8.79 -50.25 -56.99
CA LYS A 514 8.04 -49.36 -56.09
C LYS A 514 8.07 -49.90 -54.67
N GLY A 515 8.57 -49.07 -53.75
CA GLY A 515 8.49 -49.37 -52.32
C GLY A 515 9.56 -50.28 -51.75
N GLU A 516 10.65 -50.51 -52.49
CA GLU A 516 11.80 -51.30 -52.01
C GLU A 516 12.97 -50.39 -51.63
N GLU A 517 13.42 -50.48 -50.37
CA GLU A 517 14.44 -49.56 -49.82
C GLU A 517 15.79 -49.91 -50.41
N PRO A 518 16.47 -48.91 -50.99
CA PRO A 518 17.82 -49.20 -51.42
C PRO A 518 18.69 -49.61 -50.23
N GLY A 519 19.48 -50.66 -50.41
CA GLY A 519 20.31 -51.23 -49.35
C GLY A 519 19.71 -52.49 -48.72
N THR A 520 18.39 -52.68 -48.89
CA THR A 520 17.71 -53.84 -48.33
C THR A 520 17.47 -55.01 -49.32
N THR A 521 17.96 -54.91 -50.57
CA THR A 521 17.55 -55.87 -51.63
C THR A 521 18.63 -56.88 -51.93
N GLY A 522 19.71 -56.87 -51.15
CA GLY A 522 20.71 -57.94 -51.18
C GLY A 522 21.65 -57.83 -52.35
N GLU A 523 22.46 -58.89 -52.54
CA GLU A 523 23.45 -58.97 -53.63
C GLU A 523 22.86 -58.88 -55.05
N TRP A 524 21.67 -59.41 -55.28
CA TRP A 524 21.19 -59.50 -56.66
C TRP A 524 19.80 -58.96 -56.83
N GLY A 525 19.45 -57.90 -56.10
CA GLY A 525 18.12 -57.29 -56.16
C GLY A 525 18.06 -56.04 -57.05
N VAL A 526 17.02 -55.22 -56.89
CA VAL A 526 16.78 -54.18 -57.86
C VAL A 526 17.74 -53.00 -57.72
N TRP A 527 18.28 -52.76 -56.52
CA TRP A 527 19.18 -51.62 -56.33
C TRP A 527 20.65 -52.03 -56.23
N ARG A 528 21.54 -51.36 -56.94
CA ARG A 528 22.97 -51.69 -56.87
C ARG A 528 23.74 -50.41 -56.78
C1 NAG B . -23.59 9.47 4.78
C2 NAG B . -25.12 9.51 4.99
C3 NAG B . -25.83 10.15 3.80
C4 NAG B . -25.08 11.41 3.35
C5 NAG B . -23.56 11.20 3.12
C6 NAG B . -22.82 12.50 2.76
C7 NAG B . -26.29 7.99 6.54
C8 NAG B . -26.89 6.64 6.85
N2 NAG B . -25.73 8.21 5.32
O3 NAG B . -27.19 10.43 4.13
O4 NAG B . -25.70 11.82 2.18
O5 NAG B . -22.95 10.67 4.27
O6 NAG B . -21.42 12.26 2.58
O7 NAG B . -26.31 8.88 7.43
C1 NGO C . -18.92 7.53 6.84
C2 NGO C . -18.94 8.87 6.07
C3 NGO C . -20.38 9.38 5.81
C4 NGO C . -21.44 8.28 5.64
C5 NGO C . -21.30 7.09 6.62
C6 NGO C . -22.33 6.03 6.19
C7 NGO C . -18.09 9.17 8.25
C8 NGO C . -17.36 9.70 9.46
N2 NGO C . -18.14 9.72 7.01
O1 NGO C . -18.81 7.89 8.29
O3 NGO C . -20.44 10.18 4.62
O4 NGO C . -22.78 8.85 5.81
O5 NGO C . -19.98 6.60 6.51
O6 NGO C . -22.85 5.27 7.30
NA NA D . -13.41 27.92 18.60
C1 GOL E . 20.19 -40.00 -46.89
O1 GOL E . 21.44 -39.99 -47.63
C2 GOL E . 19.00 -39.49 -47.78
O2 GOL E . 19.33 -39.50 -49.18
C3 GOL E . 17.65 -40.22 -47.63
O3 GOL E . 17.75 -41.50 -47.01
#